data_9Q3H
#
_entry.id   9Q3H
#
_cell.length_a   37.987
_cell.length_b   38.111
_cell.length_c   47.054
_cell.angle_alpha   70.200
_cell.angle_beta   68.010
_cell.angle_gamma   62.080
#
_symmetry.space_group_name_H-M   'P 1'
#
loop_
_entity.id
_entity.type
_entity.pdbx_description
1 polymer 'Platelet binding protein GspB'
2 branched 'N-acetyl-alpha-neuraminic acid-(2-3)-beta-D-galactopyranose-(1-3)-2-acetamido-2-deoxy-alpha-D-galactopyranose'
3 non-polymer GLYCEROL
4 non-polymer 'Fluorenylmethyloxycarbonyl chloride'
5 non-polymer SERINE
6 non-polymer 'CALCIUM ION'
7 water water
#
_entity_poly.entity_id   1
_entity_poly.type   'polypeptide(L)'
_entity_poly.pdbx_seq_one_letter_code
;GPGSDTERPVVNVPSEITVYRGESFEYFATVTDNSNAFDLAKTVVRWLYSNQPGRGTEWLQYSVTQVGNQLKVRIFGNVP
IDTTIGDYTRYVVATDAAGNVNATQTEMGNAAVDKTSVNGQFKLIIR
;
_entity_poly.pdbx_strand_id   A,B
#
# COMPACT_ATOMS: atom_id res chain seq x y z
N ASP A 5 -21.20 0.60 -3.07
CA ASP A 5 -19.76 0.33 -3.09
C ASP A 5 -19.09 0.85 -1.83
N THR A 6 -18.66 -0.06 -0.97
CA THR A 6 -17.95 0.28 0.26
C THR A 6 -16.48 -0.10 0.21
N GLU A 7 -15.99 -0.64 -0.91
CA GLU A 7 -14.60 -1.06 -1.03
CA GLU A 7 -14.60 -1.06 -1.03
C GLU A 7 -13.76 0.06 -1.63
N ARG A 8 -12.65 0.36 -0.98
CA ARG A 8 -11.84 1.47 -1.43
C ARG A 8 -10.92 1.06 -2.58
N PRO A 9 -10.49 2.03 -3.39
CA PRO A 9 -9.56 1.73 -4.48
C PRO A 9 -8.17 1.43 -3.93
N VAL A 10 -7.36 0.80 -4.78
CA VAL A 10 -6.02 0.36 -4.40
C VAL A 10 -5.04 0.88 -5.43
N VAL A 11 -4.00 1.56 -4.98
CA VAL A 11 -2.97 2.11 -5.84
C VAL A 11 -1.78 1.16 -5.88
N ASN A 12 -1.14 1.08 -7.05
CA ASN A 12 0.11 0.34 -7.21
CA ASN A 12 0.10 0.35 -7.22
C ASN A 12 1.15 1.33 -7.70
N VAL A 13 2.12 1.64 -6.83
CA VAL A 13 3.14 2.64 -7.16
C VAL A 13 4.48 2.13 -6.65
N PRO A 14 5.57 2.36 -7.38
CA PRO A 14 6.89 2.04 -6.83
C PRO A 14 7.07 2.71 -5.46
N SER A 15 7.63 1.95 -4.53
CA SER A 15 7.88 2.50 -3.19
C SER A 15 8.73 3.76 -3.26
N GLU A 16 9.72 3.79 -4.16
CA GLU A 16 10.61 4.92 -4.30
C GLU A 16 10.81 5.23 -5.79
N ILE A 17 10.81 6.52 -6.11
CA ILE A 17 10.98 7.02 -7.47
C ILE A 17 12.20 7.94 -7.46
N THR A 18 13.17 7.66 -8.33
CA THR A 18 14.45 8.36 -8.29
C THR A 18 14.57 9.29 -9.49
N VAL A 19 14.81 10.58 -9.20
CA VAL A 19 14.92 11.60 -10.22
C VAL A 19 16.22 12.35 -9.99
N TYR A 20 16.63 13.13 -11.00
CA TYR A 20 17.95 13.76 -10.98
C TYR A 20 17.87 15.20 -11.47
N ARG A 21 18.72 16.05 -10.88
CA ARG A 21 18.72 17.47 -11.22
C ARG A 21 19.07 17.67 -12.69
N GLY A 22 18.30 18.52 -13.36
CA GLY A 22 18.52 18.83 -14.76
C GLY A 22 17.92 17.84 -15.74
N GLU A 23 17.14 16.88 -15.26
CA GLU A 23 16.63 15.80 -16.08
C GLU A 23 15.11 15.75 -15.98
N SER A 24 14.48 15.28 -17.06
CA SER A 24 13.06 14.96 -17.02
C SER A 24 12.87 13.55 -16.45
N PHE A 25 11.68 13.31 -15.90
CA PHE A 25 11.33 11.98 -15.41
C PHE A 25 9.87 11.66 -15.76
N GLU A 26 9.59 10.36 -15.87
CA GLU A 26 8.25 9.87 -16.16
C GLU A 26 8.09 8.51 -15.49
N TYR A 27 7.12 8.40 -14.58
CA TYR A 27 6.78 7.15 -13.91
C TYR A 27 5.29 6.96 -13.98
N PHE A 28 4.85 5.73 -13.70
CA PHE A 28 3.44 5.37 -13.80
C PHE A 28 2.99 4.64 -12.54
N ALA A 29 1.88 5.09 -11.98
CA ALA A 29 1.15 4.36 -10.96
C ALA A 29 -0.15 3.85 -11.56
N THR A 30 -0.61 2.70 -11.09
CA THR A 30 -1.86 2.10 -11.56
C THR A 30 -2.83 2.01 -10.38
N VAL A 31 -4.11 2.22 -10.67
CA VAL A 31 -5.15 2.19 -9.65
C VAL A 31 -6.25 1.25 -10.11
N THR A 32 -6.72 0.40 -9.20
CA THR A 32 -7.86 -0.47 -9.47
C THR A 32 -8.99 -0.16 -8.49
N ASP A 33 -10.19 -0.62 -8.82
CA ASP A 33 -11.30 -0.56 -7.88
C ASP A 33 -12.36 -1.58 -8.29
N ASN A 34 -13.08 -2.09 -7.28
CA ASN A 34 -14.11 -3.09 -7.55
C ASN A 34 -15.16 -2.55 -8.52
N SER A 35 -15.38 -1.23 -8.51
CA SER A 35 -16.36 -0.61 -9.38
C SER A 35 -15.82 -0.26 -10.76
N ASN A 36 -14.49 -0.21 -10.92
CA ASN A 36 -13.84 0.14 -12.17
C ASN A 36 -14.12 1.58 -12.58
N ALA A 37 -14.53 2.42 -11.64
CA ALA A 37 -14.85 3.82 -11.93
C ALA A 37 -14.25 4.70 -10.85
N PHE A 38 -13.83 5.90 -11.24
CA PHE A 38 -13.08 6.79 -10.37
C PHE A 38 -13.57 8.22 -10.51
N ASP A 39 -13.32 9.01 -9.47
CA ASP A 39 -13.61 10.44 -9.42
C ASP A 39 -12.30 11.17 -9.69
N LEU A 40 -12.07 11.53 -10.96
CA LEU A 40 -10.77 12.10 -11.31
C LEU A 40 -10.55 13.46 -10.64
N ALA A 41 -11.62 14.19 -10.34
CA ALA A 41 -11.47 15.45 -9.63
C ALA A 41 -10.88 15.25 -8.24
N LYS A 42 -10.93 14.03 -7.70
CA LYS A 42 -10.45 13.73 -6.36
C LYS A 42 -9.27 12.76 -6.39
N THR A 43 -8.62 12.59 -7.53
CA THR A 43 -7.43 11.76 -7.68
C THR A 43 -6.27 12.69 -7.96
N VAL A 44 -5.25 12.63 -7.10
N VAL A 44 -5.24 12.64 -7.10
CA VAL A 44 -4.14 13.58 -7.17
CA VAL A 44 -4.15 13.61 -7.14
C VAL A 44 -2.87 12.94 -6.65
C VAL A 44 -2.87 12.95 -6.63
N VAL A 45 -1.74 13.51 -7.05
CA VAL A 45 -0.43 13.19 -6.50
C VAL A 45 -0.01 14.41 -5.71
N ARG A 46 0.22 14.24 -4.41
CA ARG A 46 0.37 15.38 -3.52
C ARG A 46 1.26 15.02 -2.34
N TRP A 47 1.61 16.06 -1.56
CA TRP A 47 2.26 15.83 -0.29
C TRP A 47 1.21 15.79 0.82
N LEU A 48 1.67 15.73 2.08
CA LEU A 48 0.76 15.43 3.18
C LEU A 48 -0.24 16.55 3.41
N TYR A 49 0.19 17.80 3.26
CA TYR A 49 -0.55 18.92 3.83
C TYR A 49 -1.68 19.44 2.97
N SER A 50 -1.62 19.23 1.66
CA SER A 50 -2.62 19.81 0.77
C SER A 50 -2.56 19.09 -0.57
N ASN A 51 -3.43 19.51 -1.48
CA ASN A 51 -3.39 18.93 -2.83
C ASN A 51 -2.21 19.44 -3.66
N GLN A 52 -1.27 20.20 -3.10
CA GLN A 52 -0.15 20.71 -3.88
C GLN A 52 0.97 19.70 -3.95
N PRO A 53 1.89 19.85 -4.93
CA PRO A 53 3.02 18.91 -5.02
C PRO A 53 4.03 19.04 -3.89
N GLY A 54 4.20 20.24 -3.31
CA GLY A 54 5.00 20.36 -2.11
C GLY A 54 6.26 21.20 -2.20
N ARG A 55 6.65 21.78 -1.08
CA ARG A 55 7.86 22.60 -1.04
C ARG A 55 9.09 21.77 -1.42
N GLY A 56 9.94 22.36 -2.27
CA GLY A 56 11.07 21.65 -2.80
C GLY A 56 10.75 20.70 -3.94
N THR A 57 9.47 20.36 -4.14
CA THR A 57 9.03 19.57 -5.28
C THR A 57 7.89 20.26 -5.98
N GLU A 58 7.99 21.59 -6.10
CA GLU A 58 6.93 22.37 -6.73
C GLU A 58 6.69 21.96 -8.18
N TRP A 59 7.70 21.35 -8.81
CA TRP A 59 7.69 20.95 -10.21
C TRP A 59 7.16 19.54 -10.42
N LEU A 60 6.76 18.85 -9.36
CA LEU A 60 6.20 17.51 -9.50
C LEU A 60 4.79 17.60 -10.08
N GLN A 61 4.56 16.89 -11.18
CA GLN A 61 3.29 16.95 -11.90
C GLN A 61 2.67 15.56 -11.99
N TYR A 62 1.40 15.52 -12.41
CA TYR A 62 0.71 14.25 -12.61
C TYR A 62 -0.38 14.44 -13.67
N SER A 63 -0.69 13.34 -14.37
CA SER A 63 -1.74 13.29 -15.37
C SER A 63 -2.44 11.95 -15.21
N VAL A 64 -3.76 11.96 -15.31
CA VAL A 64 -4.58 10.77 -15.08
C VAL A 64 -5.29 10.39 -16.37
N THR A 65 -5.11 9.15 -16.80
CA THR A 65 -5.88 8.54 -17.88
C THR A 65 -6.42 7.21 -17.36
N GLN A 66 -7.39 6.65 -18.08
CA GLN A 66 -7.93 5.35 -17.71
C GLN A 66 -7.85 4.40 -18.89
N VAL A 67 -7.30 3.22 -18.65
CA VAL A 67 -7.06 2.20 -19.68
C VAL A 67 -7.81 0.96 -19.21
N GLY A 68 -8.95 0.67 -19.82
CA GLY A 68 -9.76 -0.42 -19.32
C GLY A 68 -10.29 -0.08 -17.94
N ASN A 69 -10.20 -1.02 -17.01
CA ASN A 69 -10.71 -0.81 -15.66
C ASN A 69 -9.66 -0.29 -14.69
N GLN A 70 -8.52 0.18 -15.20
CA GLN A 70 -7.43 0.67 -14.35
C GLN A 70 -7.12 2.12 -14.67
N LEU A 71 -6.92 2.93 -13.63
CA LEU A 71 -6.37 4.27 -13.82
C LEU A 71 -4.88 4.16 -14.08
N LYS A 72 -4.36 5.01 -14.96
CA LYS A 72 -2.93 5.16 -15.18
C LYS A 72 -2.56 6.58 -14.76
N VAL A 73 -1.88 6.71 -13.63
CA VAL A 73 -1.45 8.00 -13.12
C VAL A 73 0.00 8.21 -13.56
N ARG A 74 0.20 9.12 -14.50
CA ARG A 74 1.54 9.49 -14.93
C ARG A 74 2.13 10.45 -13.89
N ILE A 75 3.32 10.12 -13.39
CA ILE A 75 4.08 10.97 -12.48
C ILE A 75 5.27 11.49 -13.27
N PHE A 76 5.32 12.80 -13.51
CA PHE A 76 6.30 13.35 -14.44
C PHE A 76 6.76 14.72 -13.97
N GLY A 77 7.78 15.23 -14.67
CA GLY A 77 8.27 16.56 -14.40
C GLY A 77 9.69 16.74 -14.91
N ASN A 78 10.23 17.93 -14.67
CA ASN A 78 11.61 18.27 -14.93
C ASN A 78 12.21 18.85 -13.66
N VAL A 79 13.37 18.34 -13.26
CA VAL A 79 13.97 18.69 -11.97
C VAL A 79 14.93 19.87 -12.19
N PRO A 80 14.66 21.03 -11.61
CA PRO A 80 15.60 22.16 -11.77
C PRO A 80 16.97 21.83 -11.21
N ILE A 81 17.99 22.53 -11.74
CA ILE A 81 19.35 22.29 -11.30
C ILE A 81 19.56 22.72 -9.86
N ASP A 82 18.89 23.78 -9.43
CA ASP A 82 19.10 24.32 -8.09
C ASP A 82 18.28 23.61 -7.03
N THR A 83 17.74 22.44 -7.35
CA THR A 83 16.93 21.68 -6.40
C THR A 83 17.74 21.21 -5.21
N THR A 84 17.08 21.22 -4.04
CA THR A 84 17.68 20.60 -2.86
C THR A 84 17.51 19.09 -2.98
N ILE A 85 18.61 18.36 -2.99
CA ILE A 85 18.51 16.91 -3.07
C ILE A 85 18.10 16.31 -1.72
N GLY A 86 17.51 15.14 -1.77
CA GLY A 86 17.00 14.52 -0.56
C GLY A 86 15.83 13.62 -0.88
N ASP A 87 15.08 13.27 0.17
CA ASP A 87 13.96 12.34 0.09
C ASP A 87 12.68 13.07 0.46
N TYR A 88 11.62 12.83 -0.33
CA TYR A 88 10.36 13.53 -0.16
C TYR A 88 9.21 12.53 -0.18
N THR A 89 8.49 12.41 0.94
CA THR A 89 7.32 11.55 0.98
C THR A 89 6.16 12.23 0.28
N ARG A 90 5.56 11.53 -0.69
CA ARG A 90 4.42 12.02 -1.46
C ARG A 90 3.40 10.88 -1.55
N TYR A 91 2.25 11.17 -2.15
CA TYR A 91 1.13 10.24 -2.14
C TYR A 91 0.38 10.26 -3.46
N VAL A 92 0.07 9.08 -3.97
CA VAL A 92 -0.92 8.92 -5.04
C VAL A 92 -2.27 8.69 -4.36
N VAL A 93 -3.12 9.71 -4.35
CA VAL A 93 -4.42 9.63 -3.70
C VAL A 93 -5.49 9.44 -4.77
N ALA A 94 -6.21 8.32 -4.70
CA ALA A 94 -7.21 7.97 -5.69
C ALA A 94 -8.56 7.74 -5.03
N THR A 95 -9.62 8.22 -5.68
CA THR A 95 -10.98 8.12 -5.16
C THR A 95 -11.85 7.42 -6.20
N ASP A 96 -12.62 6.42 -5.75
CA ASP A 96 -13.54 5.73 -6.65
C ASP A 96 -14.80 6.57 -6.81
N ALA A 97 -15.64 6.15 -7.76
CA ALA A 97 -16.80 6.96 -8.12
C ALA A 97 -17.71 7.20 -6.93
N ALA A 98 -17.73 6.27 -5.96
CA ALA A 98 -18.57 6.38 -4.77
C ALA A 98 -17.94 7.24 -3.68
N GLY A 99 -16.72 7.72 -3.86
CA GLY A 99 -16.09 8.56 -2.86
C GLY A 99 -15.20 7.84 -1.85
N ASN A 100 -14.98 6.55 -2.03
CA ASN A 100 -14.01 5.83 -1.22
C ASN A 100 -12.60 6.15 -1.69
N VAL A 101 -11.69 6.37 -0.76
CA VAL A 101 -10.33 6.77 -1.07
C VAL A 101 -9.38 5.67 -0.63
N ASN A 102 -8.25 5.56 -1.35
CA ASN A 102 -7.27 4.52 -1.03
C ASN A 102 -6.60 4.78 0.32
N ALA A 103 -6.42 6.05 0.69
CA ALA A 103 -5.77 6.41 1.94
C ALA A 103 -6.35 7.72 2.43
N THR A 104 -6.77 7.75 3.69
CA THR A 104 -7.38 8.93 4.28
C THR A 104 -6.31 9.82 4.90
N GLN A 105 -6.65 11.09 5.11
CA GLN A 105 -5.72 12.02 5.73
C GLN A 105 -5.32 11.55 7.12
N THR A 106 -6.26 10.93 7.85
CA THR A 106 -5.93 10.39 9.18
C THR A 106 -4.99 9.20 9.07
N GLU A 107 -5.23 8.32 8.10
CA GLU A 107 -4.33 7.19 7.89
C GLU A 107 -2.93 7.68 7.50
N MET A 108 -2.84 8.74 6.69
CA MET A 108 -1.53 9.26 6.30
C MET A 108 -0.80 9.85 7.50
N GLY A 109 -1.51 10.65 8.31
CA GLY A 109 -0.88 11.26 9.47
C GLY A 109 -0.42 10.23 10.49
N ASN A 110 -1.29 9.27 10.79
CA ASN A 110 -0.91 8.20 11.71
C ASN A 110 0.34 7.49 11.22
N ALA A 111 0.45 7.24 9.92
CA ALA A 111 1.61 6.52 9.38
C ALA A 111 2.88 7.35 9.48
N ALA A 112 2.79 8.66 9.25
CA ALA A 112 3.97 9.51 9.42
C ALA A 112 4.44 9.48 10.86
N VAL A 113 3.52 9.51 11.82
CA VAL A 113 3.89 9.45 13.22
C VAL A 113 4.66 8.16 13.51
N ASP A 114 4.19 7.04 12.97
CA ASP A 114 4.79 5.74 13.22
C ASP A 114 5.87 5.38 12.22
N LYS A 115 6.29 6.33 11.37
CA LYS A 115 7.39 6.11 10.45
C LYS A 115 7.08 4.96 9.48
N THR A 116 5.83 4.80 9.12
CA THR A 116 5.35 3.75 8.23
C THR A 116 4.66 4.40 7.02
N SER A 117 4.05 3.58 6.19
N SER A 117 4.04 3.56 6.19
CA SER A 117 3.45 4.03 4.94
CA SER A 117 3.46 4.01 4.94
C SER A 117 2.02 3.52 4.79
C SER A 117 2.02 3.52 4.79
N VAL A 118 1.26 4.25 3.98
CA VAL A 118 -0.08 3.84 3.60
C VAL A 118 -0.07 3.48 2.11
N ASN A 119 -1.18 2.92 1.65
CA ASN A 119 -1.31 2.62 0.23
C ASN A 119 -1.18 3.89 -0.60
N GLY A 120 -0.42 3.82 -1.68
CA GLY A 120 -0.21 4.94 -2.56
C GLY A 120 0.93 5.85 -2.17
N GLN A 121 1.50 5.68 -0.98
CA GLN A 121 2.60 6.51 -0.51
C GLN A 121 3.91 6.07 -1.16
N PHE A 122 4.71 7.07 -1.56
CA PHE A 122 6.01 6.79 -2.16
C PHE A 122 6.99 7.88 -1.78
N LYS A 123 8.26 7.60 -2.02
CA LYS A 123 9.36 8.53 -1.76
C LYS A 123 9.94 9.02 -3.08
N LEU A 124 9.88 10.32 -3.31
CA LEU A 124 10.57 10.95 -4.43
C LEU A 124 12.01 11.22 -4.01
N ILE A 125 12.95 10.57 -4.68
CA ILE A 125 14.36 10.61 -4.31
C ILE A 125 15.08 11.44 -5.36
N ILE A 126 15.54 12.62 -4.96
CA ILE A 126 16.23 13.56 -5.83
C ILE A 126 17.72 13.37 -5.60
N ARG A 127 18.45 13.10 -6.68
CA ARG A 127 19.90 12.92 -6.58
C ARG A 127 20.61 13.66 -7.71
N SER B 4 -26.93 -9.75 6.91
CA SER B 4 -27.04 -8.33 6.62
C SER B 4 -25.69 -7.64 6.49
N ASP B 5 -24.59 -8.34 6.81
CA ASP B 5 -23.25 -7.77 6.71
C ASP B 5 -22.63 -8.22 5.38
N THR B 6 -22.52 -7.28 4.43
CA THR B 6 -21.90 -7.55 3.15
C THR B 6 -20.63 -6.74 2.93
N GLU B 7 -20.25 -5.90 3.88
CA GLU B 7 -19.07 -5.04 3.76
C GLU B 7 -17.83 -5.78 4.25
N ARG B 8 -16.75 -5.65 3.48
CA ARG B 8 -15.52 -6.39 3.75
C ARG B 8 -14.68 -5.72 4.85
N PRO B 9 -13.94 -6.50 5.63
CA PRO B 9 -12.95 -5.91 6.54
C PRO B 9 -11.83 -5.26 5.74
N VAL B 10 -11.16 -4.29 6.36
CA VAL B 10 -10.13 -3.49 5.71
C VAL B 10 -8.84 -3.60 6.52
N VAL B 11 -7.76 -4.02 5.86
CA VAL B 11 -6.45 -4.08 6.48
C VAL B 11 -5.71 -2.78 6.24
N ASN B 12 -5.04 -2.29 7.27
CA ASN B 12 -4.12 -1.15 7.17
C ASN B 12 -2.73 -1.71 7.42
N VAL B 13 -1.98 -1.93 6.35
CA VAL B 13 -0.64 -2.51 6.47
C VAL B 13 0.36 -1.64 5.72
N PRO B 14 1.57 -1.45 6.26
CA PRO B 14 2.60 -0.75 5.49
C PRO B 14 2.74 -1.38 4.12
N SER B 15 2.77 -0.54 3.09
CA SER B 15 2.93 -1.05 1.73
C SER B 15 4.28 -1.72 1.54
N GLU B 16 5.29 -1.33 2.32
CA GLU B 16 6.60 -1.96 2.28
C GLU B 16 7.07 -2.25 3.70
N ILE B 17 7.58 -3.46 3.90
CA ILE B 17 8.17 -3.92 5.16
C ILE B 17 9.63 -4.23 4.86
N THR B 18 10.54 -3.39 5.33
CA THR B 18 11.96 -3.52 5.02
C THR B 18 12.69 -4.17 6.19
N VAL B 19 13.45 -5.23 5.88
CA VAL B 19 14.16 -6.01 6.88
C VAL B 19 15.60 -6.22 6.41
N TYR B 20 16.46 -6.60 7.34
CA TYR B 20 17.89 -6.69 7.09
C TYR B 20 18.44 -8.02 7.57
N ARG B 21 19.21 -8.66 6.70
CA ARG B 21 19.82 -9.94 7.04
C ARG B 21 20.61 -9.83 8.34
N GLY B 22 20.32 -10.75 9.26
CA GLY B 22 20.98 -10.78 10.54
C GLY B 22 20.33 -9.97 11.63
N GLU B 23 19.24 -9.27 11.32
CA GLU B 23 18.57 -8.43 12.30
C GLU B 23 17.15 -8.91 12.54
N SER B 24 16.63 -8.53 13.71
CA SER B 24 15.22 -8.70 14.00
C SER B 24 14.43 -7.52 13.43
N PHE B 25 13.13 -7.74 13.25
CA PHE B 25 12.24 -6.69 12.75
C PHE B 25 10.89 -6.83 13.43
N GLU B 26 10.10 -5.75 13.35
CA GLU B 26 8.77 -5.74 13.92
C GLU B 26 7.96 -4.63 13.25
N TYR B 27 6.83 -5.00 12.66
CA TYR B 27 5.90 -4.03 12.10
C TYR B 27 4.50 -4.41 12.59
N PHE B 28 3.54 -3.53 12.31
CA PHE B 28 2.18 -3.74 12.76
C PHE B 28 1.19 -3.36 11.68
N ALA B 29 0.17 -4.20 11.53
CA ALA B 29 -1.01 -3.90 10.72
C ALA B 29 -2.23 -3.87 11.64
N THR B 30 -3.28 -3.20 11.18
CA THR B 30 -4.55 -3.18 11.88
C THR B 30 -5.65 -3.55 10.89
N VAL B 31 -6.74 -4.10 11.42
CA VAL B 31 -7.89 -4.48 10.60
C VAL B 31 -9.13 -3.89 11.24
N THR B 32 -9.98 -3.25 10.43
CA THR B 32 -11.26 -2.74 10.88
C THR B 32 -12.38 -3.43 10.12
N ASP B 33 -13.60 -3.29 10.65
CA ASP B 33 -14.78 -3.82 9.97
C ASP B 33 -16.00 -3.11 10.53
N ASN B 34 -16.98 -2.83 9.64
CA ASN B 34 -18.20 -2.17 10.06
C ASN B 34 -18.87 -2.89 11.22
N SER B 35 -18.75 -4.22 11.29
CA SER B 35 -19.37 -4.98 12.36
C SER B 35 -18.55 -4.98 13.63
N ASN B 36 -17.26 -4.63 13.55
CA ASN B 36 -16.35 -4.63 14.69
C ASN B 36 -16.15 -6.03 15.26
N ALA B 37 -16.46 -7.06 14.48
CA ALA B 37 -16.34 -8.44 14.90
C ALA B 37 -15.64 -9.24 13.80
N PHE B 38 -14.78 -10.17 14.22
CA PHE B 38 -13.93 -10.89 13.30
C PHE B 38 -13.89 -12.37 13.63
N ASP B 39 -13.21 -13.13 12.77
CA ASP B 39 -12.83 -14.52 12.99
C ASP B 39 -11.30 -14.50 13.05
N LEU B 40 -10.75 -14.30 14.25
CA LEU B 40 -9.30 -14.19 14.38
C LEU B 40 -8.59 -15.45 13.89
N ALA B 41 -9.27 -16.60 13.97
CA ALA B 41 -8.67 -17.85 13.51
C ALA B 41 -8.46 -17.87 12.00
N LYS B 42 -9.23 -17.07 11.26
CA LYS B 42 -9.07 -16.98 9.81
C LYS B 42 -8.28 -15.74 9.40
N THR B 43 -7.57 -15.12 10.33
CA THR B 43 -6.69 -13.99 10.04
C THR B 43 -5.26 -14.50 9.98
N VAL B 44 -4.56 -14.18 8.90
CA VAL B 44 -3.27 -14.80 8.59
C VAL B 44 -2.39 -13.84 7.81
N VAL B 45 -1.08 -14.06 7.91
CA VAL B 45 -0.08 -13.46 7.04
C VAL B 45 0.56 -14.59 6.25
N ARG B 46 0.58 -14.47 4.92
CA ARG B 46 0.88 -15.61 4.07
C ARG B 46 1.28 -15.13 2.67
N TRP B 47 1.75 -16.08 1.86
CA TRP B 47 2.02 -15.80 0.46
C TRP B 47 0.78 -16.15 -0.38
N LEU B 48 0.91 -15.98 -1.70
CA LEU B 48 -0.25 -16.06 -2.58
C LEU B 48 -0.90 -17.43 -2.54
N TYR B 49 -0.09 -18.49 -2.51
CA TYR B 49 -0.60 -19.79 -2.94
C TYR B 49 -1.31 -20.55 -1.83
N SER B 50 -0.95 -20.34 -0.57
CA SER B 50 -1.46 -21.17 0.50
C SER B 50 -1.18 -20.47 1.83
N ASN B 51 -1.54 -21.13 2.92
CA ASN B 51 -1.42 -20.53 4.26
C ASN B 51 -0.07 -20.93 4.85
N GLN B 52 0.97 -20.23 4.41
CA GLN B 52 2.31 -20.41 4.95
C GLN B 52 3.09 -19.13 4.69
N PRO B 53 4.21 -18.93 5.41
CA PRO B 53 4.96 -17.67 5.24
C PRO B 53 5.65 -17.52 3.90
N GLY B 54 5.82 -18.58 3.13
CA GLY B 54 6.30 -18.46 1.75
C GLY B 54 7.71 -18.99 1.57
N ARG B 55 8.01 -19.43 0.35
CA ARG B 55 9.32 -19.97 0.03
C ARG B 55 10.41 -18.92 0.22
N GLY B 56 11.46 -19.29 0.97
CA GLY B 56 12.58 -18.41 1.21
C GLY B 56 12.33 -17.38 2.29
N THR B 57 11.10 -17.28 2.79
CA THR B 57 10.74 -16.32 3.83
C THR B 57 9.94 -17.02 4.92
N GLU B 58 10.30 -18.27 5.23
CA GLU B 58 9.57 -19.03 6.23
C GLU B 58 9.81 -18.51 7.64
N TRP B 59 10.83 -17.66 7.83
CA TRP B 59 11.11 -16.99 9.09
C TRP B 59 10.17 -15.81 9.34
N LEU B 60 9.24 -15.53 8.43
CA LEU B 60 8.29 -14.44 8.62
C LEU B 60 7.20 -14.90 9.58
N GLN B 61 7.06 -14.21 10.71
CA GLN B 61 6.13 -14.60 11.75
C GLN B 61 5.04 -13.55 11.92
N TYR B 62 3.99 -13.93 12.64
CA TYR B 62 2.90 -13.00 12.90
C TYR B 62 2.09 -13.50 14.09
N SER B 63 1.38 -12.55 14.71
CA SER B 63 0.46 -12.85 15.81
C SER B 63 -0.71 -11.87 15.71
N VAL B 64 -1.87 -12.30 16.19
CA VAL B 64 -3.12 -11.57 16.01
C VAL B 64 -3.81 -11.40 17.36
N THR B 65 -4.22 -10.18 17.67
CA THR B 65 -5.05 -9.88 18.83
C THR B 65 -6.19 -8.97 18.38
N GLN B 66 -7.18 -8.82 19.24
CA GLN B 66 -8.23 -7.82 19.04
C GLN B 66 -8.18 -6.82 20.18
N VAL B 67 -8.03 -5.55 19.84
CA VAL B 67 -8.04 -4.44 20.80
C VAL B 67 -9.26 -3.59 20.45
N GLY B 68 -10.31 -3.68 21.26
CA GLY B 68 -11.51 -2.90 20.97
C GLY B 68 -12.17 -3.42 19.70
N ASN B 69 -12.34 -2.52 18.73
CA ASN B 69 -13.02 -2.82 17.48
C ASN B 69 -12.07 -3.22 16.37
N GLN B 70 -10.78 -3.37 16.66
CA GLN B 70 -9.80 -3.55 15.61
C GLN B 70 -8.90 -4.74 15.90
N LEU B 71 -8.57 -5.50 14.86
CA LEU B 71 -7.52 -6.49 14.95
C LEU B 71 -6.17 -5.80 14.88
N LYS B 72 -5.20 -6.29 15.66
CA LYS B 72 -3.82 -5.86 15.59
C LYS B 72 -2.99 -7.06 15.15
N VAL B 73 -2.25 -6.90 14.07
CA VAL B 73 -1.45 -7.99 13.50
C VAL B 73 0.02 -7.60 13.61
N ARG B 74 0.74 -8.28 14.49
CA ARG B 74 2.18 -8.08 14.60
C ARG B 74 2.86 -8.89 13.51
N ILE B 75 3.76 -8.24 12.77
CA ILE B 75 4.53 -8.86 11.70
C ILE B 75 5.99 -8.71 12.07
N PHE B 76 6.65 -9.82 12.36
CA PHE B 76 7.93 -9.76 13.07
C PHE B 76 8.75 -11.00 12.73
N GLY B 77 9.98 -11.00 13.22
CA GLY B 77 10.85 -12.14 13.09
C GLY B 77 12.31 -11.73 13.09
N ASN B 78 13.16 -12.70 12.77
CA ASN B 78 14.59 -12.50 12.57
C ASN B 78 14.93 -12.98 11.17
N VAL B 79 15.83 -12.26 10.51
CA VAL B 79 16.17 -12.51 9.11
C VAL B 79 17.46 -13.33 9.09
N PRO B 80 17.46 -14.52 8.49
CA PRO B 80 18.72 -15.28 8.40
C PRO B 80 19.80 -14.52 7.64
N ILE B 81 21.04 -14.72 8.09
CA ILE B 81 22.17 -14.04 7.48
C ILE B 81 22.30 -14.40 6.00
N ASP B 82 21.78 -15.56 5.61
CA ASP B 82 22.00 -16.12 4.29
C ASP B 82 20.75 -16.10 3.42
N THR B 83 19.72 -15.38 3.82
CA THR B 83 18.48 -15.37 3.06
C THR B 83 18.67 -14.54 1.78
N THR B 84 17.91 -14.92 0.75
CA THR B 84 18.07 -14.28 -0.55
C THR B 84 17.66 -12.81 -0.49
N ILE B 85 18.50 -11.95 -1.06
CA ILE B 85 18.22 -10.52 -1.09
C ILE B 85 17.25 -10.23 -2.23
N GLY B 86 16.22 -9.45 -1.93
CA GLY B 86 15.21 -9.13 -2.92
C GLY B 86 13.90 -8.75 -2.27
N ASP B 87 12.86 -8.72 -3.10
CA ASP B 87 11.52 -8.32 -2.69
C ASP B 87 10.57 -9.49 -2.82
N TYR B 88 9.59 -9.54 -1.92
CA TYR B 88 8.62 -10.63 -1.86
C TYR B 88 7.23 -10.04 -1.62
N THR B 89 6.23 -10.57 -2.34
CA THR B 89 4.86 -10.12 -2.17
C THR B 89 4.15 -11.04 -1.18
N ARG B 90 3.61 -10.46 -0.11
CA ARG B 90 2.88 -11.21 0.91
C ARG B 90 1.56 -10.50 1.20
N TYR B 91 0.72 -11.17 2.00
CA TYR B 91 -0.65 -10.72 2.18
C TYR B 91 -1.10 -10.88 3.62
N VAL B 92 -1.81 -9.87 4.12
CA VAL B 92 -2.58 -9.97 5.35
C VAL B 92 -4.02 -10.26 4.93
N VAL B 93 -4.52 -11.43 5.27
CA VAL B 93 -5.87 -11.87 4.89
C VAL B 93 -6.69 -11.99 6.18
N ALA B 94 -7.76 -11.21 6.27
CA ALA B 94 -8.59 -11.17 7.46
C ALA B 94 -10.04 -11.48 7.10
N THR B 95 -10.78 -11.98 8.09
CA THR B 95 -12.16 -12.40 7.91
C THR B 95 -13.02 -11.76 8.99
N ASP B 96 -14.14 -11.16 8.60
CA ASP B 96 -15.07 -10.64 9.58
C ASP B 96 -16.00 -11.76 10.06
N ALA B 97 -16.73 -11.47 11.14
CA ALA B 97 -17.58 -12.49 11.74
C ALA B 97 -18.55 -13.08 10.74
N ALA B 98 -19.00 -12.26 9.78
CA ALA B 98 -19.94 -12.72 8.76
C ALA B 98 -19.28 -13.52 7.64
N GLY B 99 -17.98 -13.78 7.74
CA GLY B 99 -17.29 -14.54 6.71
C GLY B 99 -16.75 -13.74 5.55
N ASN B 100 -16.96 -12.43 5.53
CA ASN B 100 -16.40 -11.60 4.48
C ASN B 100 -14.89 -11.45 4.67
N VAL B 101 -14.13 -11.69 3.62
CA VAL B 101 -12.68 -11.56 3.65
C VAL B 101 -12.31 -10.27 2.94
N ASN B 102 -11.16 -9.70 3.33
CA ASN B 102 -10.70 -8.48 2.68
C ASN B 102 -10.22 -8.72 1.26
N ALA B 103 -9.86 -9.96 0.93
CA ALA B 103 -9.42 -10.32 -0.41
C ALA B 103 -9.55 -11.82 -0.59
N THR B 104 -10.23 -12.23 -1.67
CA THR B 104 -10.42 -13.64 -1.95
C THR B 104 -9.21 -14.21 -2.70
N GLN B 105 -9.11 -15.53 -2.72
CA GLN B 105 -8.03 -16.17 -3.48
C GLN B 105 -8.14 -15.79 -4.95
N THR B 106 -9.35 -15.77 -5.49
CA THR B 106 -9.55 -15.37 -6.89
C THR B 106 -9.01 -13.97 -7.13
N GLU B 107 -9.35 -13.04 -6.24
CA GLU B 107 -8.88 -11.66 -6.39
C GLU B 107 -7.36 -11.58 -6.30
N MET B 108 -6.76 -12.34 -5.38
CA MET B 108 -5.30 -12.34 -5.26
C MET B 108 -4.64 -12.85 -6.53
N GLY B 109 -5.18 -13.93 -7.11
CA GLY B 109 -4.62 -14.45 -8.33
C GLY B 109 -4.76 -13.49 -9.51
N ASN B 110 -5.96 -12.95 -9.69
CA ASN B 110 -6.17 -11.99 -10.78
C ASN B 110 -5.22 -10.80 -10.64
N ALA B 111 -5.07 -10.29 -9.41
CA ALA B 111 -4.17 -9.16 -9.20
C ALA B 111 -2.73 -9.54 -9.51
N ALA B 112 -2.32 -10.76 -9.16
CA ALA B 112 -0.95 -11.18 -9.39
C ALA B 112 -0.61 -11.18 -10.87
N VAL B 113 -1.51 -11.70 -11.71
CA VAL B 113 -1.22 -11.76 -13.13
C VAL B 113 -1.13 -10.37 -13.73
N ASP B 114 -1.93 -9.43 -13.22
CA ASP B 114 -1.89 -8.05 -13.69
C ASP B 114 -0.80 -7.22 -13.03
N LYS B 115 -0.15 -7.76 -12.00
CA LYS B 115 0.85 -7.01 -11.23
C LYS B 115 0.22 -5.84 -10.49
N THR B 116 -1.08 -5.94 -10.16
CA THR B 116 -1.77 -4.97 -9.35
C THR B 116 -1.82 -5.47 -7.90
N SER B 117 -2.69 -4.88 -7.08
CA SER B 117 -2.67 -5.15 -5.65
C SER B 117 -4.08 -5.35 -5.11
N VAL B 118 -4.16 -6.10 -4.01
CA VAL B 118 -5.39 -6.26 -3.25
C VAL B 118 -5.20 -5.61 -1.88
N ASN B 119 -6.31 -5.37 -1.19
CA ASN B 119 -6.19 -4.86 0.17
C ASN B 119 -5.43 -5.86 1.03
N GLY B 120 -4.52 -5.34 1.86
CA GLY B 120 -3.70 -6.19 2.70
C GLY B 120 -2.44 -6.73 2.04
N GLN B 121 -2.24 -6.47 0.75
CA GLN B 121 -1.02 -6.87 0.06
C GLN B 121 0.12 -5.95 0.44
N PHE B 122 1.32 -6.52 0.62
CA PHE B 122 2.50 -5.74 0.97
C PHE B 122 3.75 -6.43 0.47
N LYS B 123 4.82 -5.64 0.40
CA LYS B 123 6.10 -6.13 -0.11
C LYS B 123 7.09 -6.28 1.03
N LEU B 124 7.68 -7.47 1.14
CA LEU B 124 8.77 -7.74 2.09
C LEU B 124 10.09 -7.50 1.38
N ILE B 125 10.83 -6.48 1.82
CA ILE B 125 12.08 -6.09 1.21
C ILE B 125 13.21 -6.55 2.11
N ILE B 126 14.06 -7.42 1.58
CA ILE B 126 15.22 -7.94 2.30
C ILE B 126 16.47 -7.28 1.73
N ARG B 127 17.26 -6.67 2.60
CA ARG B 127 18.53 -6.06 2.21
C ARG B 127 19.65 -6.53 3.14
#